data_6MCJ
#
_entry.id   6MCJ
#
_cell.length_a   35.162
_cell.length_b   71.635
_cell.length_c   56.341
_cell.angle_alpha   90.00
_cell.angle_beta   92.32
_cell.angle_gamma   90.00
#
_symmetry.space_group_name_H-M   'P 1 21 1'
#
loop_
_entity.id
_entity.type
_entity.pdbx_description
1 polymer 'Orange carotenoid-binding protein'
2 non-polymer "beta,beta-carotene-4,4'-dione"
3 non-polymer 'IODIDE ION'
4 non-polymer 'PENTAETHYLENE GLYCOL'
5 water water
#
_entity_poly.entity_id   1
_entity_poly.type   'polypeptide(L)'
_entity_poly.pdbx_seq_one_letter_code
;MTYTVDESTRPALERFQRFDVDTQLALLWYGYLDLKPQLNPAPPNSVDTPARAVFDHIQDLSQQEQLQAQRDLIKGGSGE
INRGYNALSPNAKLEVWLLLAQGMENGTIIPMPSDYQLPNGTEEFTAQVKKLEFDQRLNFMLTAVQAMGGSSAHHHHHHH
HHH
;
_entity_poly.pdbx_strand_id   A,B
#
# COMPACT_ATOMS: atom_id res chain seq x y z
N VAL A 5 4.16 13.72 -4.04
CA VAL A 5 4.07 13.28 -5.43
C VAL A 5 5.25 13.83 -6.22
N ASP A 6 5.56 13.19 -7.35
CA ASP A 6 6.69 13.57 -8.16
C ASP A 6 6.28 14.56 -9.25
N GLU A 7 7.23 14.92 -10.11
CA GLU A 7 6.96 15.91 -11.15
C GLU A 7 5.84 15.46 -12.08
N SER A 8 5.83 14.17 -12.44
CA SER A 8 4.83 13.67 -13.38
C SER A 8 3.46 13.52 -12.74
N THR A 9 3.38 13.49 -11.41
CA THR A 9 2.12 13.26 -10.72
C THR A 9 1.50 14.53 -10.17
N ARG A 10 2.29 15.56 -9.90
CA ARG A 10 1.75 16.80 -9.35
C ARG A 10 0.63 17.39 -10.22
N PRO A 11 0.79 17.52 -11.54
CA PRO A 11 -0.31 18.12 -12.33
C PRO A 11 -1.64 17.38 -12.18
N ALA A 12 -1.62 16.05 -12.16
CA ALA A 12 -2.86 15.29 -12.00
C ALA A 12 -3.50 15.59 -10.63
N LEU A 13 -2.70 15.60 -9.57
CA LEU A 13 -3.22 15.89 -8.25
C LEU A 13 -3.81 17.29 -8.19
N GLU A 14 -3.11 18.27 -8.79
CA GLU A 14 -3.60 19.64 -8.76
C GLU A 14 -4.91 19.77 -9.51
N ARG A 15 -5.03 19.11 -10.67
CA ARG A 15 -6.30 19.12 -11.40
C ARG A 15 -7.40 18.48 -10.58
N PHE A 16 -7.10 17.36 -9.92
CA PHE A 16 -8.13 16.64 -9.17
C PHE A 16 -8.76 17.54 -8.12
N GLN A 17 -7.94 18.28 -7.37
CA GLN A 17 -8.45 19.12 -6.30
C GLN A 17 -9.27 20.29 -6.82
N ARG A 18 -9.25 20.55 -8.12
CA ARG A 18 -9.99 21.65 -8.71
C ARG A 18 -11.39 21.24 -9.19
N PHE A 19 -11.69 19.96 -9.26
CA PHE A 19 -13.05 19.54 -9.58
C PHE A 19 -13.97 19.85 -8.41
N ASP A 20 -15.26 19.93 -8.71
CA ASP A 20 -16.26 20.03 -7.66
C ASP A 20 -16.22 18.79 -6.77
N VAL A 21 -16.72 18.94 -5.55
CA VAL A 21 -16.61 17.87 -4.55
C VAL A 21 -17.29 16.61 -5.04
N ASP A 22 -18.48 16.73 -5.63
CA ASP A 22 -19.18 15.53 -6.10
C ASP A 22 -18.38 14.84 -7.20
N THR A 23 -17.75 15.63 -8.08
CA THR A 23 -16.92 15.04 -9.11
C THR A 23 -15.71 14.34 -8.50
N GLN A 24 -15.11 14.95 -7.46
CA GLN A 24 -14.00 14.31 -6.78
C GLN A 24 -14.41 12.96 -6.19
N LEU A 25 -15.58 12.92 -5.54
CA LEU A 25 -16.06 11.66 -4.97
C LEU A 25 -16.24 10.60 -6.06
N ALA A 26 -16.89 10.96 -7.15
CA ALA A 26 -17.10 10.01 -8.24
C ALA A 26 -15.77 9.51 -8.79
N LEU A 27 -14.82 10.42 -9.02
CA LEU A 27 -13.51 10.03 -9.55
C LEU A 27 -12.79 9.10 -8.58
N LEU A 28 -12.93 9.36 -7.27
CA LEU A 28 -12.31 8.47 -6.28
C LEU A 28 -12.93 7.07 -6.35
N TRP A 29 -14.25 7.00 -6.53
CA TRP A 29 -14.90 5.69 -6.69
C TRP A 29 -14.38 4.97 -7.92
N TYR A 30 -14.34 5.66 -9.06
CA TYR A 30 -13.84 5.03 -10.28
C TYR A 30 -12.37 4.67 -10.14
N GLY A 31 -11.59 5.50 -9.45
CA GLY A 31 -10.19 5.17 -9.20
C GLY A 31 -10.05 3.92 -8.36
N TYR A 32 -10.90 3.79 -7.33
CA TYR A 32 -10.92 2.59 -6.52
C TYR A 32 -11.18 1.36 -7.37
N LEU A 33 -12.22 1.41 -8.21
CA LEU A 33 -12.53 0.25 -9.05
C LEU A 33 -11.33 -0.11 -9.93
N ASP A 34 -10.61 0.89 -10.42
CA ASP A 34 -9.47 0.61 -11.30
C ASP A 34 -8.31 0.00 -10.53
N LEU A 35 -8.07 0.46 -9.30
CA LEU A 35 -6.97 -0.02 -8.47
C LEU A 35 -7.29 -1.29 -7.71
N LYS A 36 -8.57 -1.56 -7.47
CA LYS A 36 -8.98 -2.60 -6.52
C LYS A 36 -8.26 -3.92 -6.69
N PRO A 37 -8.10 -4.47 -7.89
CA PRO A 37 -7.46 -5.79 -8.02
C PRO A 37 -6.08 -5.86 -7.41
N GLN A 38 -5.35 -4.75 -7.38
CA GLN A 38 -3.98 -4.72 -6.87
C GLN A 38 -3.88 -4.18 -5.45
N LEU A 39 -5.00 -3.95 -4.78
CA LEU A 39 -5.00 -3.44 -3.41
C LEU A 39 -5.30 -4.57 -2.43
N ASN A 40 -4.62 -4.54 -1.28
CA ASN A 40 -5.00 -5.41 -0.17
C ASN A 40 -6.18 -4.79 0.58
N PRO A 41 -7.26 -5.50 0.80
CA PRO A 41 -8.46 -4.86 1.36
C PRO A 41 -8.27 -4.49 2.82
N ALA A 42 -9.00 -3.45 3.22
CA ALA A 42 -9.04 -3.06 4.62
C ALA A 42 -9.89 -4.05 5.41
N PRO A 43 -9.63 -4.22 6.71
CA PRO A 43 -8.78 -3.39 7.58
C PRO A 43 -7.33 -3.84 7.66
N PRO A 44 -6.46 -2.99 8.23
CA PRO A 44 -5.06 -3.39 8.41
C PRO A 44 -4.89 -4.43 9.52
N ASN A 45 -3.66 -4.85 9.78
CA ASN A 45 -3.43 -5.91 10.76
C ASN A 45 -3.85 -5.49 12.15
N SER A 46 -3.62 -4.23 12.52
CA SER A 46 -4.04 -3.75 13.83
C SER A 46 -5.56 -3.75 13.93
N VAL A 47 -6.07 -4.06 15.12
CA VAL A 47 -7.51 -4.18 15.35
C VAL A 47 -8.10 -2.88 15.88
N ASP A 48 -7.38 -2.17 16.74
CA ASP A 48 -7.86 -0.95 17.37
C ASP A 48 -7.64 0.27 16.50
N THR A 49 -7.62 0.09 15.18
CA THR A 49 -7.19 1.15 14.30
C THR A 49 -8.07 2.39 14.48
N PRO A 50 -7.49 3.58 14.54
CA PRO A 50 -8.32 4.80 14.55
C PRO A 50 -9.17 4.98 13.32
N ALA A 51 -8.75 4.42 12.18
CA ALA A 51 -9.53 4.58 10.95
C ALA A 51 -10.88 3.90 11.08
N ARG A 52 -10.92 2.73 11.72
CA ARG A 52 -12.19 2.01 11.86
C ARG A 52 -13.22 2.84 12.62
N ALA A 53 -12.77 3.58 13.65
CA ALA A 53 -13.70 4.37 14.44
C ALA A 53 -14.34 5.48 13.61
N VAL A 54 -13.55 6.13 12.74
CA VAL A 54 -14.08 7.18 11.88
C VAL A 54 -15.04 6.59 10.86
N PHE A 55 -14.66 5.48 10.23
CA PHE A 55 -15.56 4.82 9.30
C PHE A 55 -16.86 4.41 9.98
N ASP A 56 -16.75 3.83 11.18
CA ASP A 56 -17.94 3.37 11.89
C ASP A 56 -18.90 4.52 12.19
N HIS A 57 -18.38 5.69 12.52
CA HIS A 57 -19.25 6.84 12.77
C HIS A 57 -20.00 7.23 11.50
N ILE A 58 -19.35 7.13 10.35
CA ILE A 58 -20.02 7.43 9.09
C ILE A 58 -21.05 6.35 8.75
N GLN A 59 -20.68 5.08 8.98
CA GLN A 59 -21.57 3.97 8.62
C GLN A 59 -22.88 4.06 9.38
N ASP A 60 -22.86 4.58 10.60
CA ASP A 60 -24.07 4.64 11.42
C ASP A 60 -25.04 5.73 10.98
N LEU A 61 -24.68 6.57 10.03
CA LEU A 61 -25.55 7.65 9.59
C LEU A 61 -26.51 7.17 8.53
N SER A 62 -27.52 7.99 8.26
CA SER A 62 -28.39 7.74 7.11
C SER A 62 -27.56 7.85 5.83
N GLN A 63 -28.02 7.19 4.78
CA GLN A 63 -27.28 7.21 3.52
C GLN A 63 -27.09 8.64 3.02
N GLN A 64 -28.12 9.47 3.10
CA GLN A 64 -27.98 10.87 2.67
C GLN A 64 -26.92 11.61 3.48
N GLU A 65 -26.87 11.38 4.78
CA GLU A 65 -25.86 12.04 5.60
C GLU A 65 -24.49 11.41 5.43
N GLN A 66 -24.43 10.13 5.06
CA GLN A 66 -23.15 9.54 4.67
C GLN A 66 -22.56 10.27 3.48
N LEU A 67 -23.40 10.60 2.51
CA LEU A 67 -22.93 11.39 1.37
C LEU A 67 -22.43 12.75 1.83
N GLN A 68 -23.21 13.41 2.69
CA GLN A 68 -22.78 14.73 3.17
C GLN A 68 -21.49 14.61 3.98
N ALA A 69 -21.32 13.52 4.73
CA ALA A 69 -20.10 13.34 5.51
C ALA A 69 -18.88 13.21 4.61
N GLN A 70 -19.03 12.46 3.51
CA GLN A 70 -17.92 12.31 2.56
C GLN A 70 -17.64 13.61 1.83
N ARG A 71 -18.67 14.36 1.46
CA ARG A 71 -18.45 15.70 0.92
C ARG A 71 -17.67 16.56 1.90
N ASP A 72 -18.04 16.52 3.18
CA ASP A 72 -17.37 17.36 4.17
C ASP A 72 -15.91 16.96 4.36
N LEU A 73 -15.57 15.68 4.15
CA LEU A 73 -14.18 15.27 4.26
C LEU A 73 -13.32 15.98 3.22
N ILE A 74 -13.82 16.09 2.00
CA ILE A 74 -13.06 16.77 0.95
C ILE A 74 -13.06 18.28 1.21
N LYS A 75 -14.24 18.85 1.45
CA LYS A 75 -14.34 20.30 1.66
C LYS A 75 -13.54 20.76 2.87
N GLY A 76 -13.60 20.00 3.96
CA GLY A 76 -13.04 20.42 5.21
C GLY A 76 -14.10 20.96 6.16
N GLY A 77 -13.73 21.04 7.42
CA GLY A 77 -14.67 21.48 8.44
C GLY A 77 -14.14 21.15 9.82
N SER A 78 -14.99 21.43 10.81
CA SER A 78 -14.62 21.24 12.21
C SER A 78 -15.63 20.39 12.96
N GLY A 79 -16.55 19.72 12.26
CA GLY A 79 -17.49 18.84 12.90
C GLY A 79 -16.83 17.54 13.33
N GLU A 80 -17.60 16.71 14.03
CA GLU A 80 -17.05 15.52 14.67
C GLU A 80 -16.35 14.61 13.68
N ILE A 81 -16.98 14.35 12.53
CA ILE A 81 -16.38 13.43 11.55
C ILE A 81 -15.11 14.03 10.96
N ASN A 82 -15.15 15.31 10.60
CA ASN A 82 -13.95 15.96 10.09
C ASN A 82 -12.82 15.90 11.11
N ARG A 83 -13.14 16.17 12.37
CA ARG A 83 -12.10 16.15 13.40
C ARG A 83 -11.52 14.76 13.57
N GLY A 84 -12.37 13.72 13.52
CA GLY A 84 -11.85 12.37 13.63
C GLY A 84 -10.92 12.03 12.48
N TYR A 85 -11.32 12.41 11.27
CA TYR A 85 -10.47 12.18 10.09
C TYR A 85 -9.20 13.01 10.16
N ASN A 86 -9.31 14.27 10.59
CA ASN A 86 -8.17 15.17 10.58
C ASN A 86 -7.10 14.78 11.60
N ALA A 87 -7.45 13.98 12.61
CA ALA A 87 -6.47 13.54 13.59
C ALA A 87 -5.69 12.33 13.11
N LEU A 88 -6.03 11.77 11.95
CA LEU A 88 -5.42 10.56 11.45
C LEU A 88 -4.16 10.84 10.64
N SER A 89 -3.27 9.86 10.61
CA SER A 89 -2.14 9.92 9.70
C SER A 89 -2.62 9.78 8.25
N PRO A 90 -1.80 10.16 7.27
CA PRO A 90 -2.20 10.02 5.88
C PRO A 90 -2.59 8.61 5.50
N ASN A 91 -1.82 7.60 5.92
CA ASN A 91 -2.20 6.24 5.55
C ASN A 91 -3.48 5.80 6.26
N ALA A 92 -3.72 6.27 7.49
CA ALA A 92 -4.98 5.99 8.17
C ALA A 92 -6.14 6.69 7.48
N LYS A 93 -5.93 7.92 7.01
CA LYS A 93 -6.96 8.59 6.22
C LYS A 93 -7.30 7.78 4.98
N LEU A 94 -6.29 7.26 4.29
CA LEU A 94 -6.54 6.44 3.11
C LEU A 94 -7.30 5.18 3.49
N GLU A 95 -7.04 4.63 4.69
CA GLU A 95 -7.78 3.48 5.17
C GLU A 95 -9.26 3.78 5.30
N VAL A 96 -9.61 4.99 5.75
CA VAL A 96 -11.03 5.36 5.85
C VAL A 96 -11.68 5.33 4.47
N TRP A 97 -11.03 5.92 3.48
CA TRP A 97 -11.60 5.92 2.13
C TRP A 97 -11.74 4.50 1.60
N LEU A 98 -10.76 3.63 1.87
CA LEU A 98 -10.85 2.26 1.42
C LEU A 98 -12.00 1.52 2.09
N LEU A 99 -12.19 1.75 3.40
CA LEU A 99 -13.32 1.16 4.10
C LEU A 99 -14.65 1.68 3.56
N LEU A 100 -14.71 2.97 3.24
CA LEU A 100 -15.93 3.53 2.65
C LEU A 100 -16.24 2.86 1.31
N ALA A 101 -15.22 2.71 0.46
CA ALA A 101 -15.43 2.07 -0.83
C ALA A 101 -15.90 0.62 -0.65
N GLN A 102 -15.28 -0.11 0.27
CA GLN A 102 -15.72 -1.46 0.54
C GLN A 102 -17.15 -1.47 1.08
N GLY A 103 -17.52 -0.47 1.87
CA GLY A 103 -18.87 -0.37 2.37
C GLY A 103 -19.88 -0.10 1.27
N MET A 104 -19.50 0.67 0.26
CA MET A 104 -20.36 0.88 -0.89
C MET A 104 -20.61 -0.45 -1.61
N GLU A 105 -19.61 -1.32 -1.63
CA GLU A 105 -19.74 -2.60 -2.31
C GLU A 105 -20.54 -3.61 -1.51
N ASN A 106 -20.54 -3.52 -0.18
CA ASN A 106 -21.26 -4.47 0.65
C ASN A 106 -22.61 -3.93 1.15
N GLY A 107 -22.98 -2.72 0.75
CA GLY A 107 -24.30 -2.21 1.03
C GLY A 107 -24.47 -1.42 2.31
N THR A 108 -23.38 -1.13 3.03
CA THR A 108 -23.46 -0.37 4.27
C THR A 108 -23.21 1.13 4.07
N ILE A 109 -22.71 1.54 2.92
CA ILE A 109 -22.49 2.94 2.58
C ILE A 109 -23.22 3.25 1.29
N ILE A 110 -23.79 4.45 1.20
CA ILE A 110 -24.57 4.89 0.04
C ILE A 110 -23.77 4.63 -1.24
N PRO A 111 -24.34 3.96 -2.23
CA PRO A 111 -23.59 3.63 -3.44
C PRO A 111 -23.67 4.70 -4.52
N MET A 112 -22.76 4.59 -5.47
CA MET A 112 -22.81 5.36 -6.70
C MET A 112 -24.17 5.16 -7.37
N PRO A 113 -24.94 6.22 -7.62
CA PRO A 113 -26.23 6.04 -8.31
C PRO A 113 -26.03 5.50 -9.72
N SER A 114 -26.99 4.68 -10.16
CA SER A 114 -26.90 4.08 -11.48
C SER A 114 -27.07 5.10 -12.59
N ASP A 115 -27.65 6.26 -12.30
CA ASP A 115 -27.87 7.29 -13.30
C ASP A 115 -26.83 8.39 -13.28
N TYR A 116 -25.87 8.33 -12.36
CA TYR A 116 -24.88 9.40 -12.28
C TYR A 116 -23.90 9.30 -13.44
N GLN A 117 -23.58 10.46 -14.01
CA GLN A 117 -22.48 10.57 -14.97
C GLN A 117 -21.66 11.80 -14.66
N LEU A 118 -20.36 11.70 -14.86
CA LEU A 118 -19.45 12.80 -14.58
C LEU A 118 -19.85 14.03 -15.38
N PRO A 119 -19.62 15.23 -14.83
CA PRO A 119 -19.76 16.44 -15.65
C PRO A 119 -18.77 16.39 -16.80
N ASN A 120 -19.09 17.13 -17.87
CA ASN A 120 -18.17 17.24 -18.98
C ASN A 120 -16.85 17.83 -18.50
N GLY A 121 -15.75 17.37 -19.08
CA GLY A 121 -14.44 17.93 -18.80
C GLY A 121 -13.53 17.11 -17.93
N THR A 122 -13.89 15.85 -17.63
CA THR A 122 -13.02 14.98 -16.84
C THR A 122 -12.16 14.06 -17.71
N GLU A 123 -12.43 13.99 -19.01
CA GLU A 123 -11.80 12.98 -19.85
C GLU A 123 -10.27 13.13 -19.88
N GLU A 124 -9.78 14.38 -19.93
CA GLU A 124 -8.34 14.58 -19.99
C GLU A 124 -7.65 14.12 -18.71
N PHE A 125 -8.27 14.41 -17.56
CA PHE A 125 -7.70 13.98 -16.29
C PHE A 125 -7.65 12.47 -16.18
N THR A 126 -8.77 11.80 -16.49
CA THR A 126 -8.79 10.35 -16.35
C THR A 126 -7.81 9.70 -17.30
N ALA A 127 -7.66 10.25 -18.50
CA ALA A 127 -6.66 9.76 -19.44
C ALA A 127 -5.25 9.90 -18.85
N GLN A 128 -4.97 11.03 -18.21
CA GLN A 128 -3.65 11.25 -17.63
C GLN A 128 -3.38 10.31 -16.47
N VAL A 129 -4.38 10.07 -15.62
CA VAL A 129 -4.19 9.17 -14.49
C VAL A 129 -3.92 7.74 -14.98
N LYS A 130 -4.62 7.32 -16.04
CA LYS A 130 -4.40 5.99 -16.59
C LYS A 130 -2.96 5.78 -17.04
N LYS A 131 -2.23 6.86 -17.31
CA LYS A 131 -0.85 6.75 -17.77
C LYS A 131 0.15 6.68 -16.62
N LEU A 132 -0.29 6.86 -15.38
CA LEU A 132 0.61 6.84 -14.24
C LEU A 132 0.97 5.41 -13.84
N GLU A 133 2.19 5.26 -13.34
CA GLU A 133 2.61 3.97 -12.80
C GLU A 133 1.90 3.70 -11.47
N PHE A 134 1.87 2.44 -11.08
CA PHE A 134 1.18 2.07 -9.84
C PHE A 134 1.74 2.83 -8.65
N ASP A 135 3.06 2.91 -8.54
CA ASP A 135 3.66 3.63 -7.42
C ASP A 135 3.23 5.10 -7.42
N GLN A 136 3.13 5.69 -8.60
CA GLN A 136 2.69 7.08 -8.68
C GLN A 136 1.25 7.23 -8.23
N ARG A 137 0.41 6.24 -8.52
CA ARG A 137 -1.00 6.33 -8.10
C ARG A 137 -1.14 6.14 -6.60
N LEU A 138 -0.28 5.32 -5.98
CA LEU A 138 -0.27 5.22 -4.52
C LEU A 138 0.12 6.54 -3.88
N ASN A 139 1.16 7.18 -4.40
CA ASN A 139 1.60 8.46 -3.85
C ASN A 139 0.55 9.55 -4.09
N PHE A 140 -0.10 9.52 -5.26
CA PHE A 140 -1.24 10.41 -5.50
C PHE A 140 -2.27 10.29 -4.38
N MET A 141 -2.68 9.06 -4.06
CA MET A 141 -3.74 8.88 -3.07
C MET A 141 -3.28 9.33 -1.68
N LEU A 142 -2.07 8.95 -1.27
CA LEU A 142 -1.58 9.35 0.05
C LEU A 142 -1.52 10.86 0.17
N THR A 143 -1.07 11.54 -0.90
CA THR A 143 -0.99 12.99 -0.85
C THR A 143 -2.38 13.61 -0.93
N ALA A 144 -3.28 13.05 -1.74
CA ALA A 144 -4.59 13.64 -1.93
C ALA A 144 -5.42 13.60 -0.65
N VAL A 145 -5.43 12.45 0.03
CA VAL A 145 -6.29 12.34 1.22
C VAL A 145 -5.76 13.20 2.34
N GLN A 146 -4.43 13.37 2.41
CA GLN A 146 -3.85 14.23 3.43
C GLN A 146 -4.18 15.70 3.16
N ALA A 147 -4.27 16.09 1.89
CA ALA A 147 -4.52 17.47 1.52
C ALA A 147 -5.98 17.87 1.68
N MET A 148 -6.88 16.90 1.82
CA MET A 148 -8.28 17.22 2.04
C MET A 148 -8.45 17.94 3.37
N GLY A 149 -9.40 18.87 3.39
CA GLY A 149 -9.69 19.63 4.60
C GLY A 149 -9.16 21.05 4.56
N VAL B 5 12.89 6.15 -5.77
CA VAL B 5 12.93 6.71 -4.43
C VAL B 5 13.34 8.19 -4.48
N ASP B 6 12.89 8.97 -3.51
CA ASP B 6 13.28 10.38 -3.45
C ASP B 6 14.74 10.49 -3.02
N GLU B 7 15.29 11.70 -3.16
CA GLU B 7 16.70 11.89 -2.84
C GLU B 7 16.97 11.70 -1.36
N SER B 8 15.97 11.90 -0.50
CA SER B 8 16.15 11.68 0.93
C SER B 8 16.16 10.21 1.31
N THR B 9 15.61 9.34 0.46
CA THR B 9 15.56 7.91 0.73
C THR B 9 16.69 7.13 0.07
N ARG B 10 17.29 7.67 -0.98
CA ARG B 10 18.32 6.96 -1.71
C ARG B 10 19.47 6.48 -0.83
N PRO B 11 20.03 7.29 0.07
CA PRO B 11 21.16 6.79 0.88
C PRO B 11 20.85 5.50 1.63
N ALA B 12 19.67 5.40 2.24
CA ALA B 12 19.32 4.18 2.96
C ALA B 12 19.20 2.99 2.02
N LEU B 13 18.61 3.20 0.84
CA LEU B 13 18.48 2.11 -0.12
C LEU B 13 19.84 1.59 -0.56
N GLU B 14 20.75 2.49 -0.91
CA GLU B 14 22.07 2.06 -1.34
C GLU B 14 22.82 1.35 -0.22
N ARG B 15 22.65 1.82 1.02
CA ARG B 15 23.25 1.13 2.16
C ARG B 15 22.66 -0.25 2.33
N PHE B 16 21.33 -0.36 2.26
CA PHE B 16 20.67 -1.65 2.39
C PHE B 16 21.19 -2.62 1.34
N GLN B 17 21.36 -2.16 0.11
CA GLN B 17 21.74 -3.06 -0.98
C GLN B 17 23.16 -3.58 -0.83
N ARG B 18 24.01 -2.88 -0.07
CA ARG B 18 25.39 -3.31 0.13
C ARG B 18 25.57 -4.33 1.24
N PHE B 19 24.53 -4.64 2.02
CA PHE B 19 24.63 -5.69 3.01
C PHE B 19 24.67 -7.06 2.32
N ASP B 20 25.23 -8.04 3.04
CA ASP B 20 25.20 -9.41 2.56
C ASP B 20 23.75 -9.91 2.49
N VAL B 21 23.56 -10.99 1.72
CA VAL B 21 22.20 -11.48 1.44
C VAL B 21 21.45 -11.81 2.74
N ASP B 22 22.07 -12.57 3.63
CA ASP B 22 21.37 -12.97 4.84
C ASP B 22 21.00 -11.76 5.70
N THR B 23 21.87 -10.75 5.72
CA THR B 23 21.55 -9.54 6.45
C THR B 23 20.36 -8.80 5.82
N GLN B 24 20.29 -8.77 4.48
CA GLN B 24 19.13 -8.16 3.84
C GLN B 24 17.85 -8.88 4.20
N LEU B 25 17.87 -10.21 4.21
CA LEU B 25 16.68 -10.96 4.60
C LEU B 25 16.24 -10.61 6.01
N ALA B 26 17.20 -10.56 6.94
CA ALA B 26 16.86 -10.26 8.33
C ALA B 26 16.30 -8.85 8.45
N LEU B 27 16.89 -7.88 7.75
CA LEU B 27 16.43 -6.51 7.83
C LEU B 27 15.04 -6.38 7.22
N LEU B 28 14.76 -7.13 6.15
CA LEU B 28 13.42 -7.11 5.58
C LEU B 28 12.41 -7.65 6.59
N TRP B 29 12.78 -8.67 7.35
CA TRP B 29 11.86 -9.21 8.34
C TRP B 29 11.58 -8.19 9.43
N TYR B 30 12.62 -7.56 9.97
CA TYR B 30 12.40 -6.52 10.98
C TYR B 30 11.63 -5.35 10.39
N GLY B 31 11.89 -5.01 9.12
CA GLY B 31 11.11 -3.98 8.48
C GLY B 31 9.65 -4.33 8.38
N TYR B 32 9.35 -5.60 8.10
CA TYR B 32 7.96 -6.04 8.07
C TYR B 32 7.30 -5.86 9.43
N LEU B 33 7.97 -6.31 10.49
CA LEU B 33 7.39 -6.17 11.82
C LEU B 33 7.14 -4.70 12.17
N ASP B 34 7.99 -3.80 11.68
CA ASP B 34 7.82 -2.38 11.98
C ASP B 34 6.61 -1.82 11.24
N LEU B 35 6.41 -2.22 9.98
CA LEU B 35 5.34 -1.71 9.13
C LEU B 35 4.01 -2.42 9.35
N LYS B 36 4.04 -3.64 9.87
CA LYS B 36 2.89 -4.53 9.89
C LYS B 36 1.61 -3.86 10.38
N PRO B 37 1.60 -3.13 11.50
CA PRO B 37 0.34 -2.53 11.96
C PRO B 37 -0.32 -1.62 10.93
N GLN B 38 0.44 -1.06 10.00
CA GLN B 38 -0.08 -0.12 9.02
C GLN B 38 -0.33 -0.75 7.67
N LEU B 39 -0.17 -2.06 7.52
CA LEU B 39 -0.32 -2.74 6.25
C LEU B 39 -1.59 -3.58 6.26
N ASN B 40 -2.31 -3.53 5.16
CA ASN B 40 -3.40 -4.48 4.95
C ASN B 40 -2.82 -5.81 4.50
N PRO B 41 -3.23 -6.93 5.10
CA PRO B 41 -2.60 -8.21 4.78
C PRO B 41 -2.78 -8.62 3.32
N ALA B 42 -1.75 -9.26 2.77
CA ALA B 42 -1.85 -9.92 1.49
C ALA B 42 -2.76 -11.14 1.62
N PRO B 43 -3.32 -11.63 0.50
CA PRO B 43 -3.14 -11.19 -0.89
C PRO B 43 -4.02 -10.00 -1.27
N PRO B 44 -3.80 -9.45 -2.46
CA PRO B 44 -4.67 -8.37 -2.95
C PRO B 44 -6.05 -8.89 -3.25
N ASN B 45 -6.95 -8.01 -3.68
CA ASN B 45 -8.32 -8.42 -3.96
C ASN B 45 -8.36 -9.47 -5.06
N SER B 46 -7.49 -9.34 -6.06
CA SER B 46 -7.48 -10.24 -7.21
C SER B 46 -6.88 -11.59 -6.81
N VAL B 47 -7.71 -12.63 -6.80
CA VAL B 47 -7.23 -13.97 -6.47
C VAL B 47 -6.20 -14.44 -7.48
N ASP B 48 -6.29 -13.98 -8.72
CA ASP B 48 -5.43 -14.45 -9.80
C ASP B 48 -4.06 -13.77 -9.82
N THR B 49 -3.68 -13.07 -8.75
CA THR B 49 -2.41 -12.36 -8.77
C THR B 49 -1.26 -13.33 -9.05
N PRO B 50 -0.38 -13.02 -10.02
CA PRO B 50 0.78 -13.91 -10.24
C PRO B 50 1.72 -14.00 -9.05
N ALA B 51 1.59 -13.10 -8.07
CA ALA B 51 2.41 -13.22 -6.86
C ALA B 51 2.11 -14.52 -6.12
N ARG B 52 0.85 -14.96 -6.13
CA ARG B 52 0.50 -16.16 -5.37
C ARG B 52 1.20 -17.39 -5.94
N ALA B 53 1.34 -17.48 -7.26
CA ALA B 53 2.01 -18.62 -7.88
C ALA B 53 3.47 -18.69 -7.45
N VAL B 54 4.17 -17.55 -7.50
CA VAL B 54 5.56 -17.53 -7.05
C VAL B 54 5.65 -17.92 -5.58
N PHE B 55 4.75 -17.39 -4.73
CA PHE B 55 4.76 -17.76 -3.32
C PHE B 55 4.54 -19.26 -3.15
N ASP B 56 3.57 -19.82 -3.87
CA ASP B 56 3.26 -21.24 -3.71
C ASP B 56 4.42 -22.13 -4.16
N HIS B 57 5.20 -21.70 -5.16
CA HIS B 57 6.41 -22.45 -5.51
C HIS B 57 7.37 -22.52 -4.33
N ILE B 58 7.51 -21.42 -3.58
CA ILE B 58 8.41 -21.41 -2.44
C ILE B 58 7.81 -22.21 -1.28
N GLN B 59 6.50 -22.09 -1.07
CA GLN B 59 5.86 -22.73 0.07
C GLN B 59 5.98 -24.25 0.00
N ASP B 60 5.98 -24.82 -1.20
CA ASP B 60 6.02 -26.28 -1.35
C ASP B 60 7.40 -26.87 -1.14
N LEU B 61 8.42 -26.06 -0.88
CA LEU B 61 9.76 -26.54 -0.67
C LEU B 61 10.00 -26.95 0.78
N SER B 62 11.07 -27.71 0.99
CA SER B 62 11.52 -27.98 2.35
C SER B 62 12.01 -26.68 3.00
N GLN B 63 12.10 -26.69 4.32
CA GLN B 63 12.47 -25.48 5.05
C GLN B 63 13.83 -24.96 4.60
N GLN B 64 14.82 -25.84 4.46
CA GLN B 64 16.13 -25.40 3.98
C GLN B 64 16.04 -24.87 2.56
N GLU B 65 15.22 -25.49 1.71
CA GLU B 65 15.06 -25.03 0.34
C GLU B 65 14.31 -23.71 0.27
N GLN B 66 13.35 -23.50 1.18
CA GLN B 66 12.69 -22.21 1.28
C GLN B 66 13.68 -21.11 1.63
N LEU B 67 14.58 -21.37 2.57
CA LEU B 67 15.63 -20.41 2.89
C LEU B 67 16.47 -20.11 1.66
N GLN B 68 16.87 -21.15 0.94
CA GLN B 68 17.72 -20.93 -0.23
C GLN B 68 16.98 -20.16 -1.32
N ALA B 69 15.68 -20.46 -1.51
CA ALA B 69 14.91 -19.72 -2.50
C ALA B 69 14.86 -18.23 -2.16
N GLN B 70 14.64 -17.89 -0.90
CA GLN B 70 14.60 -16.49 -0.51
C GLN B 70 15.98 -15.85 -0.62
N ARG B 71 17.04 -16.57 -0.24
CA ARG B 71 18.39 -16.09 -0.49
C ARG B 71 18.60 -15.84 -1.98
N ASP B 72 18.15 -16.78 -2.83
CA ASP B 72 18.33 -16.62 -4.27
C ASP B 72 17.60 -15.40 -4.80
N LEU B 73 16.43 -15.06 -4.21
CA LEU B 73 15.70 -13.89 -4.69
C LEU B 73 16.54 -12.62 -4.55
N ILE B 74 17.25 -12.49 -3.42
CA ILE B 74 18.08 -11.30 -3.22
C ILE B 74 19.39 -11.43 -3.99
N LYS B 75 19.94 -12.65 -4.07
CA LYS B 75 21.16 -12.86 -4.83
C LYS B 75 20.97 -12.44 -6.29
N GLY B 76 19.84 -12.80 -6.88
CA GLY B 76 19.66 -12.65 -8.30
C GLY B 76 20.23 -13.85 -9.04
N GLY B 77 20.36 -13.69 -10.35
CA GLY B 77 20.75 -14.79 -11.20
C GLY B 77 19.57 -15.64 -11.61
N SER B 78 19.83 -16.59 -12.51
CA SER B 78 18.78 -17.32 -13.20
C SER B 78 18.55 -18.67 -12.53
N GLY B 79 17.54 -18.72 -11.66
CA GLY B 79 16.93 -19.95 -11.24
C GLY B 79 15.46 -19.91 -11.60
N GLU B 80 14.81 -21.06 -11.51
CA GLU B 80 13.40 -21.14 -11.90
C GLU B 80 12.56 -20.14 -11.12
N ILE B 81 12.71 -20.13 -9.79
CA ILE B 81 11.90 -19.24 -8.97
C ILE B 81 12.22 -17.78 -9.27
N ASN B 82 13.50 -17.46 -9.49
CA ASN B 82 13.87 -16.10 -9.81
C ASN B 82 13.25 -15.64 -11.11
N ARG B 83 13.18 -16.53 -12.11
CA ARG B 83 12.57 -16.14 -13.38
C ARG B 83 11.10 -15.81 -13.19
N GLY B 84 10.38 -16.62 -12.42
CA GLY B 84 8.98 -16.32 -12.17
C GLY B 84 8.80 -15.03 -11.39
N TYR B 85 9.70 -14.77 -10.43
CA TYR B 85 9.65 -13.52 -9.67
C TYR B 85 9.97 -12.32 -10.56
N ASN B 86 10.97 -12.45 -11.42
CA ASN B 86 11.38 -11.35 -12.27
C ASN B 86 10.32 -10.98 -13.30
N ALA B 87 9.36 -11.86 -13.56
CA ALA B 87 8.27 -11.56 -14.48
C ALA B 87 7.18 -10.71 -13.83
N LEU B 88 7.27 -10.45 -12.53
CA LEU B 88 6.24 -9.72 -11.80
C LEU B 88 6.46 -8.22 -11.86
N SER B 89 5.36 -7.48 -11.74
CA SER B 89 5.43 -6.05 -11.52
C SER B 89 6.06 -5.76 -10.16
N PRO B 90 6.53 -4.54 -9.93
CA PRO B 90 7.12 -4.22 -8.62
C PRO B 90 6.19 -4.45 -7.44
N ASN B 91 4.91 -4.04 -7.55
CA ASN B 91 4.01 -4.25 -6.43
C ASN B 91 3.65 -5.72 -6.27
N ALA B 92 3.64 -6.48 -7.37
CA ALA B 92 3.45 -7.92 -7.25
C ALA B 92 4.65 -8.59 -6.58
N LYS B 93 5.86 -8.12 -6.88
CA LYS B 93 7.03 -8.62 -6.18
C LYS B 93 6.89 -8.40 -4.67
N LEU B 94 6.46 -7.20 -4.29
CA LEU B 94 6.29 -6.89 -2.87
C LEU B 94 5.21 -7.75 -2.24
N GLU B 95 4.16 -8.10 -3.00
CA GLU B 95 3.14 -9.01 -2.47
C GLU B 95 3.76 -10.37 -2.16
N VAL B 96 4.71 -10.83 -2.98
CA VAL B 96 5.40 -12.08 -2.69
C VAL B 96 6.09 -12.00 -1.34
N TRP B 97 6.82 -10.91 -1.09
CA TRP B 97 7.52 -10.76 0.17
C TRP B 97 6.56 -10.68 1.34
N LEU B 98 5.42 -10.01 1.14
CA LEU B 98 4.43 -9.90 2.21
C LEU B 98 3.80 -11.26 2.50
N LEU B 99 3.52 -12.04 1.46
CA LEU B 99 3.00 -13.39 1.66
C LEU B 99 4.02 -14.28 2.37
N LEU B 100 5.30 -14.13 2.05
CA LEU B 100 6.34 -14.88 2.76
C LEU B 100 6.38 -14.52 4.24
N ALA B 101 6.38 -13.22 4.54
CA ALA B 101 6.39 -12.79 5.95
C ALA B 101 5.18 -13.34 6.69
N GLN B 102 3.99 -13.25 6.07
CA GLN B 102 2.80 -13.81 6.71
C GLN B 102 2.91 -15.31 6.85
N GLY B 103 3.57 -15.97 5.90
CA GLY B 103 3.79 -17.40 6.03
C GLY B 103 4.74 -17.75 7.14
N MET B 104 5.74 -16.92 7.39
CA MET B 104 6.61 -17.14 8.55
C MET B 104 5.82 -17.05 9.84
N GLU B 105 4.84 -16.15 9.89
CA GLU B 105 4.02 -15.98 11.08
C GLU B 105 3.01 -17.11 11.25
N ASN B 106 2.49 -17.66 10.16
CA ASN B 106 1.40 -18.63 10.27
C ASN B 106 1.90 -20.07 10.23
N GLY B 107 3.18 -20.29 9.99
CA GLY B 107 3.78 -21.61 10.11
C GLY B 107 4.13 -22.29 8.80
N THR B 108 3.87 -21.69 7.65
CA THR B 108 4.09 -22.35 6.37
C THR B 108 5.45 -22.04 5.76
N ILE B 109 6.16 -21.03 6.27
CA ILE B 109 7.47 -20.63 5.76
C ILE B 109 8.47 -20.67 6.91
N ILE B 110 9.70 -21.07 6.61
CA ILE B 110 10.76 -21.17 7.63
C ILE B 110 10.83 -19.86 8.40
N PRO B 111 10.79 -19.87 9.73
CA PRO B 111 10.73 -18.62 10.49
C PRO B 111 12.09 -18.03 10.80
N MET B 112 12.07 -16.78 11.23
CA MET B 112 13.28 -16.08 11.65
C MET B 112 13.83 -16.72 12.92
N PRO B 113 15.11 -17.09 12.95
CA PRO B 113 15.67 -17.65 14.19
C PRO B 113 15.64 -16.64 15.32
N SER B 114 15.34 -17.12 16.52
CA SER B 114 15.37 -16.26 17.69
C SER B 114 16.80 -15.90 18.07
N ASP B 115 17.74 -16.83 17.90
CA ASP B 115 19.14 -16.60 18.25
C ASP B 115 19.91 -15.94 17.12
N TYR B 116 19.23 -15.19 16.26
CA TYR B 116 19.90 -14.45 15.21
C TYR B 116 20.20 -13.03 15.68
N GLN B 117 21.31 -12.49 15.20
CA GLN B 117 21.74 -11.13 15.53
C GLN B 117 22.40 -10.51 14.32
N LEU B 118 22.11 -9.23 14.10
CA LEU B 118 22.56 -8.53 12.92
C LEU B 118 24.05 -8.21 12.99
N PRO B 119 24.72 -8.08 11.84
CA PRO B 119 26.07 -7.50 11.85
C PRO B 119 26.05 -6.08 12.35
N ASN B 120 27.25 -5.50 12.52
CA ASN B 120 27.35 -4.25 13.26
C ASN B 120 27.09 -3.01 12.42
N GLY B 121 27.29 -3.08 11.10
CA GLY B 121 26.97 -1.93 10.26
C GLY B 121 25.50 -1.63 10.11
N THR B 122 24.62 -2.38 10.77
CA THR B 122 23.19 -2.19 10.60
C THR B 122 22.63 -1.08 11.48
N GLU B 123 23.28 -0.80 12.62
CA GLU B 123 22.78 0.23 13.52
C GLU B 123 22.60 1.55 12.80
N GLU B 124 23.57 1.95 11.97
CA GLU B 124 23.45 3.21 11.25
C GLU B 124 22.34 3.16 10.22
N PHE B 125 22.22 2.05 9.48
CA PHE B 125 21.15 1.92 8.51
C PHE B 125 19.79 2.04 9.18
N THR B 126 19.59 1.32 10.29
CA THR B 126 18.31 1.40 10.98
C THR B 126 18.02 2.81 11.45
N ALA B 127 19.07 3.57 11.81
CA ALA B 127 18.89 4.97 12.15
C ALA B 127 18.41 5.77 10.94
N GLN B 128 19.04 5.55 9.78
CA GLN B 128 18.59 6.20 8.56
C GLN B 128 17.10 5.96 8.33
N VAL B 129 16.64 4.73 8.52
CA VAL B 129 15.27 4.38 8.18
C VAL B 129 14.29 4.91 9.22
N LYS B 130 14.73 5.08 10.48
CA LYS B 130 13.85 5.63 11.50
C LYS B 130 13.34 7.01 11.08
N LYS B 131 14.13 7.77 10.32
CA LYS B 131 13.76 9.12 9.96
C LYS B 131 12.79 9.17 8.77
N LEU B 132 12.69 8.10 7.99
CA LEU B 132 11.86 8.13 6.80
C LEU B 132 10.39 8.19 7.17
N GLU B 133 9.62 8.91 6.34
CA GLU B 133 8.17 8.94 6.46
C GLU B 133 7.57 7.66 5.87
N PHE B 134 6.29 7.44 6.14
CA PHE B 134 5.64 6.22 5.67
C PHE B 134 5.71 6.08 4.17
N ASP B 135 5.36 7.14 3.43
CA ASP B 135 5.40 7.07 1.98
C ASP B 135 6.81 6.80 1.47
N GLN B 136 7.82 7.33 2.15
CA GLN B 136 9.20 7.07 1.77
C GLN B 136 9.56 5.61 2.00
N ARG B 137 9.04 5.02 3.09
CA ARG B 137 9.30 3.61 3.37
C ARG B 137 8.60 2.72 2.35
N LEU B 138 7.41 3.10 1.91
CA LEU B 138 6.73 2.35 0.85
C LEU B 138 7.56 2.37 -0.44
N ASN B 139 8.01 3.56 -0.84
CA ASN B 139 8.80 3.65 -2.05
C ASN B 139 10.13 2.94 -1.90
N PHE B 140 10.71 2.97 -0.69
CA PHE B 140 11.89 2.18 -0.39
C PHE B 140 11.64 0.71 -0.73
N MET B 141 10.54 0.14 -0.22
CA MET B 141 10.28 -1.27 -0.40
C MET B 141 10.04 -1.59 -1.86
N LEU B 142 9.20 -0.80 -2.53
CA LEU B 142 8.90 -1.07 -3.94
C LEU B 142 10.17 -1.03 -4.79
N THR B 143 11.06 -0.09 -4.52
CA THR B 143 12.29 0.01 -5.30
C THR B 143 13.24 -1.13 -4.97
N ALA B 144 13.34 -1.49 -3.69
CA ALA B 144 14.27 -2.52 -3.27
C ALA B 144 13.91 -3.88 -3.87
N VAL B 145 12.62 -4.24 -3.84
CA VAL B 145 12.24 -5.56 -4.30
C VAL B 145 12.30 -5.63 -5.82
N GLN B 146 12.10 -4.51 -6.50
CA GLN B 146 12.20 -4.49 -7.96
C GLN B 146 13.64 -4.73 -8.40
N ALA B 147 14.61 -4.27 -7.62
CA ALA B 147 16.03 -4.48 -7.94
C ALA B 147 16.49 -5.89 -7.67
N MET B 148 15.68 -6.73 -7.03
CA MET B 148 16.07 -8.09 -6.71
C MET B 148 15.82 -9.02 -7.90
N GLY B 149 16.16 -10.30 -7.71
CA GLY B 149 15.97 -11.31 -8.74
C GLY B 149 16.92 -11.17 -9.91
#